data_9BDU
#
_entry.id   9BDU
#
_cell.length_a   115.516
_cell.length_b   133.568
_cell.length_c   45.443
_cell.angle_alpha   90.00
_cell.angle_beta   90.00
_cell.angle_gamma   90.00
#
_symmetry.space_group_name_H-M   'P 21 21 2'
#
loop_
_entity.id
_entity.type
_entity.pdbx_description
1 polymer 'Transcription factor p65'
2 polymer "DNA (5'-D(P*AP*CP*TP*GP*GP*GP*AP*AP*AP*TP*TP*CP*CP*AP*GP*TP*GP*AP*T)-3')"
3 polymer "DNA (5'-D(P*AP*TP*CP*AP*CP*TP*GP*GP*AP*AP*TP*TP*TP*CP*CP*CP*AP*GP*T)-3')"
4 non-polymer 'SULFATE ION'
5 water water
#
loop_
_entity_poly.entity_id
_entity_poly.type
_entity_poly.pdbx_seq_one_letter_code
_entity_poly.pdbx_strand_id
1 'polypeptide(L)'
;MPYVEIIEQPKQRGMRFRYKCEGRSAGSIPGERSTDTTKTHPTIKINGYTGPGTVRISLVTKDPPHRPHPHELVGKDCRD
GYYEADLCPDRSIHSFQNLGIQCVKKRDLEQAISQRIQTNNNPFHVPIEEQRGDYDLNAVRLCFQVTVRDPAGRPLLLTP
VLSHPIFDNRAPNTAELKICRVNRNSGSCLGGDEIFLLCDKVQKEDIEVYFTGPGWEARGSFSQADVHRQVAIVFRTPPY
ADPSLQAPVRVSMQLRRPSDRELSEPMEFQYLPDTDDRHRIEEKRKR
;
A,B
2 'polydeoxyribonucleotide' (DA)(DC)(DT)(DG)(DG)(DG)(DA)(DA)(DA)(DT)(DT)(DC)(DC)(DA)(DG)(DT)(DG)(DA)(DT) C
3 'polydeoxyribonucleotide' (DA)(DT)(DC)(DA)(DC)(DT)(DG)(DG)(DA)(DA)(DT)(DT)(DT)(DC)(DC)(DC)(DA)(DG)(DT) D
#
loop_
_chem_comp.id
_chem_comp.type
_chem_comp.name
_chem_comp.formula
DA DNA linking 2'-DEOXYADENOSINE-5'-MONOPHOSPHATE 'C10 H14 N5 O6 P'
DC DNA linking 2'-DEOXYCYTIDINE-5'-MONOPHOSPHATE 'C9 H14 N3 O7 P'
DG DNA linking 2'-DEOXYGUANOSINE-5'-MONOPHOSPHATE 'C10 H14 N5 O7 P'
DT DNA linking THYMIDINE-5'-MONOPHOSPHATE 'C10 H15 N2 O8 P'
SO4 non-polymer 'SULFATE ION' 'O4 S -2'
#
# COMPACT_ATOMS: atom_id res chain seq x y z
N PRO A 2 1.49 -45.89 19.06
CA PRO A 2 1.04 -45.38 17.76
C PRO A 2 1.60 -43.99 17.51
N TYR A 3 1.57 -43.52 16.25
CA TYR A 3 1.92 -42.14 15.96
C TYR A 3 1.18 -41.67 14.71
N VAL A 4 1.14 -40.32 14.58
CA VAL A 4 0.42 -39.63 13.53
C VAL A 4 1.44 -39.23 12.46
N GLU A 5 1.05 -39.42 11.19
CA GLU A 5 1.82 -38.86 10.08
C GLU A 5 0.87 -38.02 9.23
N ILE A 6 1.39 -36.94 8.66
CA ILE A 6 0.62 -36.11 7.75
C ILE A 6 0.73 -36.70 6.34
N ILE A 7 -0.41 -37.10 5.77
CA ILE A 7 -0.49 -37.71 4.45
C ILE A 7 -0.56 -36.60 3.38
N GLU A 8 -1.42 -35.60 3.64
CA GLU A 8 -1.57 -34.44 2.78
C GLU A 8 -1.28 -33.19 3.62
N GLN A 9 -0.11 -32.59 3.37
CA GLN A 9 0.25 -31.33 4.00
C GLN A 9 -0.70 -30.24 3.53
N PRO A 10 -0.90 -29.16 4.31
CA PRO A 10 -1.63 -27.99 3.82
C PRO A 10 -0.82 -27.26 2.75
N LYS A 11 -1.50 -26.54 1.85
CA LYS A 11 -0.80 -25.71 0.88
C LYS A 11 -0.18 -24.52 1.61
N GLN A 12 1.09 -24.22 1.30
CA GLN A 12 1.84 -23.21 2.01
C GLN A 12 1.42 -21.80 1.59
N ARG A 13 1.05 -21.61 0.32
CA ARG A 13 0.90 -20.27 -0.23
C ARG A 13 -0.47 -20.08 -0.85
N GLY A 14 -0.89 -18.80 -0.95
CA GLY A 14 -2.09 -18.40 -1.64
C GLY A 14 -3.31 -18.20 -0.73
N MET A 15 -3.14 -18.47 0.57
CA MET A 15 -4.22 -18.36 1.53
C MET A 15 -4.14 -16.97 2.19
N ARG A 16 -5.27 -16.28 2.29
CA ARG A 16 -5.36 -14.98 2.94
C ARG A 16 -5.99 -15.13 4.34
N PHE A 17 -5.22 -14.80 5.38
CA PHE A 17 -5.75 -14.77 6.74
C PHE A 17 -6.72 -13.60 6.84
N ARG A 18 -7.87 -13.82 7.48
CA ARG A 18 -8.90 -12.82 7.58
C ARG A 18 -8.94 -12.31 9.01
N TYR A 19 -9.18 -11.00 9.16
CA TYR A 19 -9.31 -10.37 10.45
C TYR A 19 -10.76 -10.53 10.91
N LYS A 20 -10.99 -10.33 12.20
CA LYS A 20 -12.31 -10.45 12.80
C LYS A 20 -13.22 -9.34 12.28
N CYS A 21 -12.65 -8.17 11.99
CA CYS A 21 -13.39 -7.03 11.44
C CYS A 21 -14.06 -7.40 10.11
N GLU A 22 -13.46 -8.35 9.39
CA GLU A 22 -14.12 -9.00 8.28
C GLU A 22 -14.98 -10.13 8.86
N GLY A 23 -16.24 -9.82 9.18
CA GLY A 23 -17.14 -10.79 9.77
C GLY A 23 -17.68 -11.79 8.74
N ARG A 24 -16.85 -12.78 8.39
CA ARG A 24 -17.13 -13.68 7.27
C ARG A 24 -16.47 -15.04 7.40
N SER A 25 -15.66 -15.27 8.45
CA SER A 25 -14.88 -16.50 8.61
C SER A 25 -13.92 -16.67 7.44
N ALA A 26 -12.74 -17.23 7.72
CA ALA A 26 -11.70 -17.38 6.72
C ALA A 26 -12.08 -18.48 5.74
N GLY A 27 -11.18 -18.77 4.80
CA GLY A 27 -11.45 -19.81 3.82
C GLY A 27 -11.35 -21.22 4.41
N SER A 28 -11.08 -22.18 3.51
CA SER A 28 -10.77 -23.54 3.87
C SER A 28 -9.39 -23.86 3.31
N ILE A 29 -8.44 -24.16 4.21
CA ILE A 29 -7.09 -24.49 3.83
C ILE A 29 -7.11 -25.74 2.96
N PRO A 30 -6.54 -25.70 1.74
CA PRO A 30 -6.46 -26.89 0.88
C PRO A 30 -5.13 -27.61 1.11
N GLY A 31 -5.06 -28.84 0.59
CA GLY A 31 -3.84 -29.64 0.65
C GLY A 31 -2.86 -29.27 -0.45
N GLU A 32 -1.60 -29.70 -0.27
CA GLU A 32 -0.53 -29.44 -1.23
C GLU A 32 -1.02 -29.69 -2.66
N ARG A 33 -1.51 -30.92 -2.88
CA ARG A 33 -1.74 -31.45 -4.21
C ARG A 33 -3.10 -30.99 -4.74
N SER A 34 -3.79 -30.14 -3.97
CA SER A 34 -5.01 -29.51 -4.46
C SER A 34 -4.68 -28.72 -5.73
N THR A 35 -5.43 -29.00 -6.80
CA THR A 35 -5.31 -28.26 -8.05
C THR A 35 -6.65 -27.58 -8.34
N ASP A 36 -6.60 -26.49 -9.14
CA ASP A 36 -7.78 -25.71 -9.46
C ASP A 36 -8.93 -26.64 -9.87
N THR A 37 -8.61 -27.70 -10.63
CA THR A 37 -9.59 -28.73 -10.96
C THR A 37 -10.11 -29.38 -9.68
N THR A 38 -9.23 -30.12 -8.98
CA THR A 38 -9.63 -30.97 -7.86
C THR A 38 -9.11 -30.41 -6.53
N LYS A 39 -9.92 -30.58 -5.48
CA LYS A 39 -9.67 -29.96 -4.18
C LYS A 39 -9.28 -31.03 -3.16
N THR A 40 -7.99 -31.04 -2.78
CA THR A 40 -7.53 -31.88 -1.67
C THR A 40 -7.60 -31.07 -0.38
N HIS A 41 -7.44 -31.80 0.71
CA HIS A 41 -7.53 -31.21 2.01
C HIS A 41 -6.43 -31.76 2.99
N PRO A 42 -5.99 -30.99 4.03
CA PRO A 42 -5.04 -31.50 5.00
C PRO A 42 -5.56 -32.83 5.55
N THR A 43 -4.69 -33.84 5.56
CA THR A 43 -5.09 -35.19 5.88
C THR A 43 -3.97 -35.87 6.66
N ILE A 44 -4.37 -36.57 7.73
CA ILE A 44 -3.45 -37.31 8.56
C ILE A 44 -3.81 -38.79 8.52
N LYS A 45 -2.85 -39.61 8.96
CA LYS A 45 -3.11 -41.03 9.17
C LYS A 45 -2.45 -41.46 10.47
N ILE A 46 -3.20 -42.27 11.23
CA ILE A 46 -2.73 -42.79 12.52
C ILE A 46 -2.20 -44.21 12.28
N ASN A 47 -0.89 -44.43 12.46
CA ASN A 47 -0.35 -45.78 12.42
C ASN A 47 -0.18 -46.30 13.85
N GLY A 48 -0.79 -47.47 14.10
CA GLY A 48 -0.70 -48.17 15.36
C GLY A 48 -2.03 -48.25 16.10
N TYR A 49 -3.12 -47.78 15.47
CA TYR A 49 -4.42 -47.73 16.12
C TYR A 49 -5.52 -47.44 15.11
N THR A 50 -6.62 -48.21 15.23
CA THR A 50 -7.88 -47.86 14.61
C THR A 50 -8.98 -48.10 15.63
N GLY A 51 -9.92 -47.14 15.72
CA GLY A 51 -11.00 -47.20 16.70
C GLY A 51 -11.40 -45.82 17.20
N PRO A 52 -12.12 -45.72 18.34
CA PRO A 52 -12.60 -44.43 18.84
C PRO A 52 -11.47 -43.48 19.23
N GLY A 53 -11.64 -42.21 18.89
CA GLY A 53 -10.62 -41.20 19.18
C GLY A 53 -11.13 -39.79 18.92
N THR A 54 -10.32 -38.81 19.34
CA THR A 54 -10.61 -37.42 19.03
C THR A 54 -9.32 -36.77 18.53
N VAL A 55 -9.48 -35.63 17.86
CA VAL A 55 -8.34 -34.87 17.38
C VAL A 55 -8.59 -33.40 17.69
N ARG A 56 -7.52 -32.74 18.13
CA ARG A 56 -7.46 -31.30 18.26
C ARG A 56 -6.39 -30.77 17.33
N ILE A 57 -6.71 -29.68 16.61
CA ILE A 57 -5.75 -29.02 15.74
C ILE A 57 -5.62 -27.57 16.21
N SER A 58 -4.38 -27.12 16.39
CA SER A 58 -4.14 -25.77 16.83
C SER A 58 -3.02 -25.18 16.00
N LEU A 59 -2.82 -23.86 16.14
CA LEU A 59 -1.74 -23.18 15.47
C LEU A 59 -0.59 -22.99 16.45
N VAL A 60 0.62 -23.25 15.98
CA VAL A 60 1.82 -22.94 16.74
C VAL A 60 2.74 -22.14 15.84
N THR A 61 3.85 -21.64 16.42
CA THR A 61 4.78 -20.78 15.70
C THR A 61 5.58 -21.62 14.71
N LYS A 62 6.18 -20.93 13.74
CA LYS A 62 6.90 -21.57 12.67
C LYS A 62 8.24 -22.07 13.20
N ASP A 63 8.85 -21.29 14.10
CA ASP A 63 10.23 -21.47 14.51
C ASP A 63 10.28 -22.19 15.87
N PRO A 64 11.44 -22.83 16.19
CA PRO A 64 11.49 -24.03 17.02
C PRO A 64 10.92 -24.10 18.44
N PRO A 65 10.84 -23.01 19.25
CA PRO A 65 10.14 -23.12 20.53
C PRO A 65 8.75 -23.72 20.31
N HIS A 66 8.08 -23.38 19.19
CA HIS A 66 6.81 -23.96 18.79
C HIS A 66 5.75 -23.69 19.86
N ARG A 67 5.56 -22.40 20.14
CA ARG A 67 4.61 -21.96 21.15
C ARG A 67 3.28 -21.69 20.45
N PRO A 68 2.16 -21.62 21.20
CA PRO A 68 0.85 -21.40 20.58
C PRO A 68 0.81 -20.03 19.91
N HIS A 69 0.32 -20.02 18.66
CA HIS A 69 0.32 -18.81 17.85
C HIS A 69 -0.87 -17.95 18.28
N PRO A 70 -0.75 -16.61 18.25
CA PRO A 70 -1.88 -15.73 18.58
C PRO A 70 -3.07 -15.86 17.63
N HIS A 71 -2.85 -16.32 16.39
CA HIS A 71 -3.95 -16.51 15.44
C HIS A 71 -4.88 -17.62 15.89
N GLU A 72 -6.06 -17.65 15.25
CA GLU A 72 -7.09 -18.62 15.59
C GLU A 72 -7.47 -19.43 14.37
N LEU A 73 -7.69 -20.73 14.60
CA LEU A 73 -8.47 -21.55 13.69
C LEU A 73 -9.93 -21.18 13.87
N VAL A 74 -10.63 -20.99 12.75
CA VAL A 74 -12.06 -20.76 12.76
C VAL A 74 -12.68 -21.65 11.70
N GLY A 75 -13.99 -21.89 11.83
CA GLY A 75 -14.68 -22.89 11.05
C GLY A 75 -15.49 -23.81 11.94
N LYS A 76 -16.12 -24.82 11.34
CA LYS A 76 -16.93 -25.77 12.08
C LYS A 76 -16.04 -26.53 13.06
N ASP A 77 -16.57 -26.75 14.27
CA ASP A 77 -15.91 -27.52 15.31
C ASP A 77 -14.70 -26.79 15.88
N CYS A 78 -14.58 -25.47 15.63
CA CYS A 78 -13.50 -24.67 16.17
C CYS A 78 -14.01 -23.82 17.33
N ARG A 79 -13.20 -23.69 18.38
CA ARG A 79 -13.51 -22.72 19.43
C ARG A 79 -12.21 -22.34 20.13
N ASP A 80 -12.14 -21.08 20.56
CA ASP A 80 -10.98 -20.51 21.22
C ASP A 80 -9.74 -20.72 20.37
N GLY A 81 -9.92 -20.73 19.04
CA GLY A 81 -8.82 -20.71 18.10
C GLY A 81 -8.24 -22.09 17.83
N TYR A 82 -8.96 -23.15 18.22
CA TYR A 82 -8.54 -24.51 17.90
C TYR A 82 -9.73 -25.32 17.40
N TYR A 83 -9.43 -26.30 16.54
CA TYR A 83 -10.40 -27.27 16.07
C TYR A 83 -10.45 -28.47 17.02
N GLU A 84 -11.64 -29.02 17.29
CA GLU A 84 -11.73 -30.25 18.06
C GLU A 84 -12.98 -31.02 17.68
N ALA A 85 -12.83 -32.32 17.40
CA ALA A 85 -13.93 -33.21 17.03
C ALA A 85 -13.47 -34.67 17.05
N ASP A 86 -14.41 -35.60 16.83
CA ASP A 86 -14.13 -37.03 16.83
C ASP A 86 -13.37 -37.43 15.56
N LEU A 87 -12.61 -38.53 15.65
CA LEU A 87 -12.17 -39.29 14.47
C LEU A 87 -13.25 -40.32 14.11
N CYS A 88 -13.27 -40.76 12.85
CA CYS A 88 -14.06 -41.92 12.48
C CYS A 88 -13.38 -43.17 13.03
N PRO A 89 -14.11 -44.05 13.76
CA PRO A 89 -13.49 -45.24 14.35
C PRO A 89 -13.14 -46.36 13.36
N ASP A 90 -13.81 -46.36 12.20
CA ASP A 90 -13.57 -47.34 11.15
C ASP A 90 -12.26 -47.06 10.40
N ARG A 91 -12.01 -45.79 10.05
CA ARG A 91 -10.86 -45.42 9.24
C ARG A 91 -9.68 -45.07 10.12
N SER A 92 -8.47 -45.07 9.51
CA SER A 92 -7.28 -44.56 10.17
C SER A 92 -6.73 -43.34 9.43
N ILE A 93 -7.48 -42.84 8.44
CA ILE A 93 -7.11 -41.66 7.67
C ILE A 93 -8.21 -40.63 7.84
N HIS A 94 -7.82 -39.38 8.13
CA HIS A 94 -8.79 -38.35 8.47
C HIS A 94 -8.37 -37.04 7.81
N SER A 95 -9.36 -36.33 7.26
CA SER A 95 -9.09 -35.07 6.56
C SER A 95 -9.95 -33.96 7.17
N PHE A 96 -9.50 -32.72 6.97
CA PHE A 96 -10.12 -31.55 7.57
C PHE A 96 -10.45 -30.52 6.49
N GLN A 97 -11.75 -30.31 6.26
CA GLN A 97 -12.21 -29.69 5.03
C GLN A 97 -12.49 -28.20 5.22
N ASN A 98 -12.59 -27.74 6.48
CA ASN A 98 -13.02 -26.36 6.72
C ASN A 98 -12.18 -25.69 7.80
N LEU A 99 -10.84 -25.76 7.68
CA LEU A 99 -9.94 -25.05 8.57
C LEU A 99 -9.64 -23.67 7.99
N GLY A 100 -10.01 -22.62 8.74
CA GLY A 100 -9.69 -21.26 8.36
C GLY A 100 -8.78 -20.60 9.38
N ILE A 101 -7.98 -19.62 8.94
CA ILE A 101 -7.06 -18.93 9.82
C ILE A 101 -7.52 -17.48 9.97
N GLN A 102 -7.82 -17.10 11.22
CA GLN A 102 -8.19 -15.74 11.57
C GLN A 102 -7.00 -15.07 12.25
N CYS A 103 -6.41 -14.06 11.61
CA CYS A 103 -5.27 -13.35 12.16
C CYS A 103 -5.76 -12.32 13.18
N VAL A 104 -5.05 -12.21 14.30
CA VAL A 104 -5.34 -11.19 15.29
C VAL A 104 -4.38 -10.03 15.05
N LYS A 105 -4.80 -8.82 15.47
CA LYS A 105 -4.00 -7.63 15.30
C LYS A 105 -2.89 -7.59 16.34
N LYS A 106 -1.87 -6.78 16.06
CA LYS A 106 -0.67 -6.65 16.88
C LYS A 106 -1.03 -6.09 18.25
N ARG A 107 -2.03 -5.21 18.32
CA ARG A 107 -2.35 -4.57 19.58
C ARG A 107 -3.12 -5.54 20.48
N ASP A 108 -3.72 -6.58 19.89
CA ASP A 108 -4.53 -7.54 20.63
C ASP A 108 -3.74 -8.83 20.89
N LEU A 109 -2.41 -8.73 20.80
CA LEU A 109 -1.55 -9.90 20.83
C LEU A 109 -1.55 -10.51 22.23
N GLU A 110 -1.26 -9.67 23.23
CA GLU A 110 -1.10 -10.12 24.61
C GLU A 110 -2.39 -10.79 25.07
N GLN A 111 -3.54 -10.22 24.70
CA GLN A 111 -4.83 -10.80 25.02
C GLN A 111 -4.99 -12.18 24.38
N ALA A 112 -4.48 -12.33 23.14
CA ALA A 112 -4.63 -13.58 22.40
C ALA A 112 -3.80 -14.67 23.05
N ILE A 113 -2.56 -14.32 23.40
CA ILE A 113 -1.64 -15.25 24.05
C ILE A 113 -2.23 -15.69 25.39
N SER A 114 -2.84 -14.76 26.13
CA SER A 114 -3.40 -15.10 27.44
C SER A 114 -4.51 -16.12 27.27
N GLN A 115 -5.27 -16.02 26.16
CA GLN A 115 -6.38 -16.92 25.93
C GLN A 115 -5.81 -18.32 25.64
N ARG A 116 -4.67 -18.39 24.94
CA ARG A 116 -4.08 -19.67 24.62
C ARG A 116 -3.75 -20.42 25.91
N ILE A 117 -3.21 -19.69 26.88
CA ILE A 117 -2.74 -20.27 28.13
C ILE A 117 -3.97 -20.65 28.95
N GLN A 118 -4.93 -19.74 29.01
CA GLN A 118 -6.14 -19.93 29.80
C GLN A 118 -6.94 -21.14 29.30
N THR A 119 -6.88 -21.39 27.98
CA THR A 119 -7.61 -22.49 27.37
C THR A 119 -6.73 -23.74 27.26
N ASN A 120 -5.57 -23.73 27.92
CA ASN A 120 -4.64 -24.84 27.90
C ASN A 120 -4.37 -25.26 26.46
N ASN A 121 -4.01 -24.28 25.62
CA ASN A 121 -3.70 -24.51 24.22
C ASN A 121 -2.20 -24.28 24.06
N ASN A 122 -1.42 -25.29 24.48
CA ASN A 122 0.03 -25.23 24.52
C ASN A 122 0.57 -26.65 24.35
N PRO A 123 0.54 -27.17 23.10
CA PRO A 123 0.87 -28.57 22.80
C PRO A 123 2.22 -29.07 23.32
N PHE A 124 3.23 -28.21 23.26
CA PHE A 124 4.58 -28.55 23.65
C PHE A 124 4.93 -27.95 25.02
N HIS A 125 3.88 -27.61 25.78
CA HIS A 125 4.03 -27.15 27.16
C HIS A 125 5.25 -26.22 27.28
N VAL A 126 5.30 -25.20 26.42
CA VAL A 126 6.36 -24.19 26.45
C VAL A 126 6.12 -23.26 27.64
N PRO A 127 7.14 -23.00 28.51
CA PRO A 127 6.99 -22.04 29.61
C PRO A 127 6.61 -20.63 29.16
N ILE A 128 5.91 -19.89 30.04
CA ILE A 128 5.39 -18.57 29.70
C ILE A 128 6.53 -17.58 29.53
N GLU A 129 7.73 -17.93 30.04
CA GLU A 129 8.92 -17.12 29.83
C GLU A 129 9.18 -16.91 28.33
N GLU A 130 9.10 -18.01 27.56
CA GLU A 130 9.39 -18.01 26.13
C GLU A 130 8.39 -17.18 25.34
N GLN A 131 7.15 -17.06 25.86
CA GLN A 131 6.01 -16.60 25.09
C GLN A 131 5.86 -15.07 25.14
N ARG A 132 6.97 -14.36 25.41
CA ARG A 132 7.02 -12.91 25.26
C ARG A 132 8.05 -12.54 24.17
N GLY A 133 8.43 -13.54 23.36
CA GLY A 133 9.21 -13.29 22.15
C GLY A 133 8.33 -12.72 21.03
N ASP A 134 8.97 -12.14 20.02
CA ASP A 134 8.28 -11.62 18.86
C ASP A 134 7.67 -12.77 18.07
N TYR A 135 6.49 -12.54 17.48
CA TYR A 135 5.81 -13.54 16.68
C TYR A 135 5.82 -13.12 15.21
N ASP A 136 6.00 -14.11 14.33
CA ASP A 136 5.74 -13.95 12.90
C ASP A 136 4.25 -14.17 12.66
N LEU A 137 3.55 -13.07 12.39
CA LEU A 137 2.10 -13.10 12.22
C LEU A 137 1.70 -13.49 10.80
N ASN A 138 2.68 -13.68 9.91
CA ASN A 138 2.40 -14.04 8.52
C ASN A 138 2.66 -15.51 8.26
N ALA A 139 3.06 -16.27 9.30
CA ALA A 139 3.29 -17.71 9.17
C ALA A 139 2.81 -18.46 10.40
N VAL A 140 2.21 -19.65 10.17
CA VAL A 140 1.75 -20.54 11.22
C VAL A 140 2.02 -21.98 10.77
N ARG A 141 2.10 -22.89 11.74
CA ARG A 141 2.05 -24.33 11.49
C ARG A 141 0.82 -24.89 12.16
N LEU A 142 0.16 -25.84 11.48
CA LEU A 142 -0.85 -26.67 12.11
C LEU A 142 -0.18 -27.64 13.07
N CYS A 143 -0.89 -27.96 14.16
CA CYS A 143 -0.42 -28.91 15.17
C CYS A 143 -1.52 -29.92 15.44
N PHE A 144 -1.24 -31.19 15.08
CA PHE A 144 -2.20 -32.26 15.25
C PHE A 144 -1.93 -33.00 16.55
N GLN A 145 -2.99 -33.14 17.35
CA GLN A 145 -2.93 -33.64 18.72
C GLN A 145 -4.04 -34.66 18.86
N VAL A 146 -3.72 -35.93 18.59
CA VAL A 146 -4.70 -36.98 18.53
C VAL A 146 -4.76 -37.67 19.88
N THR A 147 -5.97 -38.03 20.29
CA THR A 147 -6.17 -38.84 21.48
C THR A 147 -6.89 -40.12 21.07
N VAL A 148 -6.25 -41.27 21.34
CA VAL A 148 -6.85 -42.58 21.09
C VAL A 148 -7.27 -43.19 22.43
N ARG A 149 -7.76 -44.44 22.41
CA ARG A 149 -8.01 -45.21 23.62
C ARG A 149 -6.89 -46.25 23.81
N ASP A 150 -6.45 -46.46 25.06
CA ASP A 150 -5.58 -47.57 25.41
C ASP A 150 -6.41 -48.84 25.54
N PRO A 151 -5.80 -50.02 25.85
CA PRO A 151 -6.57 -51.27 25.95
C PRO A 151 -7.64 -51.29 27.05
N ALA A 152 -7.41 -50.51 28.12
CA ALA A 152 -8.37 -50.39 29.22
C ALA A 152 -9.46 -49.36 28.87
N GLY A 153 -9.23 -48.55 27.83
CA GLY A 153 -10.21 -47.57 27.38
C GLY A 153 -10.00 -46.20 28.05
N ARG A 154 -8.81 -45.99 28.61
CA ARG A 154 -8.39 -44.67 29.06
C ARG A 154 -7.88 -43.90 27.85
N PRO A 155 -8.09 -42.56 27.79
CA PRO A 155 -7.51 -41.74 26.72
C PRO A 155 -5.98 -41.79 26.71
N LEU A 156 -5.42 -42.03 25.52
CA LEU A 156 -3.99 -41.95 25.32
C LEU A 156 -3.67 -40.84 24.33
N LEU A 157 -2.88 -39.86 24.79
CA LEU A 157 -2.48 -38.71 24.00
C LEU A 157 -1.20 -39.04 23.24
N LEU A 158 -1.25 -38.92 21.91
CA LEU A 158 -0.13 -39.21 21.03
C LEU A 158 0.72 -37.96 20.84
N THR A 159 1.98 -38.15 20.42
CA THR A 159 2.89 -37.03 20.22
C THR A 159 2.30 -36.03 19.21
N PRO A 160 2.36 -34.71 19.50
CA PRO A 160 1.92 -33.71 18.52
C PRO A 160 2.83 -33.70 17.29
N VAL A 161 2.23 -33.67 16.10
CA VAL A 161 2.99 -33.50 14.86
C VAL A 161 2.66 -32.15 14.22
N LEU A 162 3.72 -31.47 13.76
CA LEU A 162 3.63 -30.17 13.10
C LEU A 162 3.52 -30.33 11.59
N SER A 163 2.67 -29.50 10.97
CA SER A 163 2.62 -29.38 9.51
C SER A 163 3.78 -28.50 9.03
N HIS A 164 3.90 -28.42 7.70
CA HIS A 164 4.73 -27.42 7.05
C HIS A 164 4.12 -26.04 7.33
N PRO A 165 4.91 -24.95 7.22
CA PRO A 165 4.37 -23.61 7.45
C PRO A 165 3.30 -23.24 6.43
N ILE A 166 2.30 -22.49 6.91
CA ILE A 166 1.29 -21.88 6.06
C ILE A 166 1.53 -20.38 6.08
N PHE A 167 1.60 -19.78 4.89
CA PHE A 167 1.97 -18.38 4.76
C PHE A 167 0.77 -17.57 4.28
N ASP A 168 0.61 -16.38 4.85
CA ASP A 168 -0.36 -15.40 4.41
C ASP A 168 0.10 -14.85 3.06
N ASN A 169 -0.79 -14.77 2.07
CA ASN A 169 -0.37 -14.37 0.72
C ASN A 169 -0.23 -12.85 0.64
N ARG A 170 -0.67 -12.12 1.66
CA ARG A 170 -0.40 -10.69 1.73
C ARG A 170 1.10 -10.45 1.93
N ALA A 171 1.81 -11.42 2.55
CA ALA A 171 3.23 -11.29 2.85
C ALA A 171 4.06 -11.46 1.57
N PRO A 172 4.72 -10.39 1.06
CA PRO A 172 5.42 -10.48 -0.22
C PRO A 172 6.64 -11.42 -0.23
N ASN A 173 7.26 -11.57 0.96
CA ASN A 173 8.49 -12.33 1.13
C ASN A 173 8.25 -13.84 0.97
N THR A 174 6.99 -14.27 1.05
CA THR A 174 6.66 -15.68 0.99
C THR A 174 5.47 -15.92 0.05
N ALA A 175 5.08 -14.90 -0.73
CA ALA A 175 3.94 -15.02 -1.62
C ALA A 175 4.32 -15.77 -2.89
N GLU A 176 3.28 -16.11 -3.66
CA GLU A 176 3.47 -16.64 -5.01
C GLU A 176 4.04 -15.51 -5.88
N LEU A 177 4.97 -15.89 -6.76
CA LEU A 177 5.50 -15.00 -7.78
C LEU A 177 4.60 -15.07 -9.01
N LYS A 178 4.23 -13.91 -9.55
CA LYS A 178 3.35 -13.85 -10.71
C LYS A 178 3.77 -12.70 -11.64
N ILE A 179 3.98 -13.02 -12.91
CA ILE A 179 4.16 -12.05 -13.97
C ILE A 179 2.78 -11.78 -14.58
N CYS A 180 2.34 -10.51 -14.53
CA CYS A 180 1.01 -10.15 -14.99
C CYS A 180 1.10 -9.67 -16.45
N ARG A 181 2.05 -8.77 -16.74
CA ARG A 181 2.17 -8.19 -18.06
C ARG A 181 3.62 -7.85 -18.37
N VAL A 182 4.00 -8.06 -19.64
CA VAL A 182 5.36 -7.82 -20.10
C VAL A 182 5.29 -7.17 -21.48
N ASN A 183 6.12 -6.14 -21.71
CA ASN A 183 5.94 -5.32 -22.90
C ASN A 183 6.67 -5.91 -24.12
N ARG A 184 7.51 -6.93 -23.90
CA ARG A 184 8.35 -7.44 -24.99
C ARG A 184 8.74 -8.88 -24.64
N ASN A 185 8.62 -9.80 -25.60
CA ASN A 185 8.95 -11.20 -25.36
C ASN A 185 9.94 -11.74 -26.39
N SER A 186 10.67 -10.84 -27.08
CA SER A 186 11.80 -11.23 -27.90
C SER A 186 12.90 -10.16 -27.81
N GLY A 187 14.15 -10.58 -28.02
CA GLY A 187 15.28 -9.67 -27.93
C GLY A 187 16.54 -10.24 -28.60
N SER A 188 17.50 -9.34 -28.83
CA SER A 188 18.79 -9.69 -29.41
C SER A 188 19.51 -10.71 -28.54
N CYS A 189 20.20 -11.67 -29.19
CA CYS A 189 21.05 -12.62 -28.51
C CYS A 189 22.22 -11.93 -27.81
N LEU A 190 22.54 -10.69 -28.24
CA LEU A 190 23.59 -9.88 -27.64
C LEU A 190 23.13 -9.31 -26.30
N GLY A 191 21.82 -9.31 -26.06
CA GLY A 191 21.26 -8.89 -24.79
C GLY A 191 21.08 -7.38 -24.77
N GLY A 192 20.65 -6.88 -23.61
CA GLY A 192 20.58 -5.46 -23.36
C GLY A 192 19.29 -4.81 -23.87
N ASP A 193 18.25 -5.61 -24.13
CA ASP A 193 16.95 -5.06 -24.50
C ASP A 193 16.19 -4.68 -23.22
N GLU A 194 15.58 -3.49 -23.21
CA GLU A 194 14.88 -3.04 -22.02
C GLU A 194 13.45 -3.61 -21.99
N ILE A 195 13.07 -4.17 -20.82
CA ILE A 195 11.78 -4.83 -20.62
C ILE A 195 11.08 -4.18 -19.42
N PHE A 196 9.81 -3.79 -19.63
CA PHE A 196 8.90 -3.43 -18.55
C PHE A 196 8.06 -4.67 -18.20
N LEU A 197 8.09 -5.07 -16.92
CA LEU A 197 7.39 -6.24 -16.43
C LEU A 197 6.53 -5.84 -15.24
N LEU A 198 5.21 -6.07 -15.36
CA LEU A 198 4.29 -5.86 -14.25
C LEU A 198 4.05 -7.19 -13.56
N CYS A 199 4.12 -7.18 -12.22
CA CYS A 199 4.05 -8.39 -11.43
C CYS A 199 3.23 -8.11 -10.18
N ASP A 200 2.90 -9.18 -9.44
CA ASP A 200 2.36 -9.06 -8.10
C ASP A 200 3.48 -8.62 -7.14
N LYS A 201 3.06 -8.16 -5.97
CA LYS A 201 3.92 -7.54 -4.98
C LYS A 201 5.18 -8.37 -4.73
N VAL A 202 6.35 -7.74 -4.94
CA VAL A 202 7.65 -8.30 -4.60
C VAL A 202 8.38 -7.36 -3.64
N GLN A 203 9.45 -7.84 -3.01
CA GLN A 203 10.37 -6.98 -2.27
C GLN A 203 11.58 -6.69 -3.15
N LYS A 204 11.89 -5.40 -3.28
CA LYS A 204 12.86 -4.96 -4.27
C LYS A 204 14.26 -5.48 -3.93
N GLU A 205 14.50 -5.78 -2.64
CA GLU A 205 15.80 -6.25 -2.16
C GLU A 205 15.94 -7.76 -2.35
N ASP A 206 14.89 -8.43 -2.83
CA ASP A 206 14.84 -9.89 -2.85
C ASP A 206 13.96 -10.33 -4.02
N ILE A 207 14.38 -9.97 -5.24
CA ILE A 207 13.71 -10.39 -6.46
C ILE A 207 14.71 -10.33 -7.60
N GLU A 208 14.62 -11.31 -8.50
CA GLU A 208 15.36 -11.26 -9.74
C GLU A 208 14.51 -11.84 -10.86
N VAL A 209 14.89 -11.47 -12.09
CA VAL A 209 14.31 -12.05 -13.30
C VAL A 209 15.30 -13.06 -13.84
N TYR A 210 14.84 -14.28 -14.07
CA TYR A 210 15.67 -15.46 -14.20
C TYR A 210 15.38 -16.14 -15.54
N PHE A 211 16.33 -16.02 -16.48
CA PHE A 211 16.21 -16.66 -17.78
C PHE A 211 16.91 -18.02 -17.75
N THR A 212 16.26 -19.04 -18.33
CA THR A 212 16.78 -20.40 -18.30
C THR A 212 16.59 -21.09 -19.66
N GLY A 213 17.54 -21.98 -19.97
CA GLY A 213 17.44 -22.88 -21.10
C GLY A 213 18.06 -24.24 -20.73
N PRO A 214 18.17 -25.18 -21.68
CA PRO A 214 18.86 -26.45 -21.41
C PRO A 214 20.31 -26.18 -21.00
N GLY A 215 20.62 -26.42 -19.73
CA GLY A 215 21.95 -26.16 -19.21
C GLY A 215 22.40 -24.71 -19.44
N TRP A 216 21.52 -23.74 -19.11
CA TRP A 216 21.84 -22.33 -19.20
C TRP A 216 21.03 -21.54 -18.17
N GLU A 217 21.61 -20.44 -17.70
CA GLU A 217 20.88 -19.51 -16.86
C GLU A 217 21.56 -18.14 -16.90
N ALA A 218 20.72 -17.10 -16.92
CA ALA A 218 21.16 -15.71 -16.84
C ALA A 218 20.13 -14.92 -16.04
N ARG A 219 20.47 -13.67 -15.72
CA ARG A 219 19.62 -12.79 -14.94
C ARG A 219 19.48 -11.45 -15.65
N GLY A 220 18.28 -10.87 -15.64
CA GLY A 220 18.09 -9.52 -16.16
C GLY A 220 18.77 -8.51 -15.27
N SER A 221 19.29 -7.42 -15.86
CA SER A 221 20.04 -6.41 -15.13
C SER A 221 19.12 -5.28 -14.70
N PHE A 222 19.20 -4.92 -13.42
CA PHE A 222 18.49 -3.79 -12.87
C PHE A 222 18.92 -3.58 -11.42
N SER A 223 18.59 -2.40 -10.89
CA SER A 223 18.87 -2.06 -9.50
C SER A 223 17.57 -2.06 -8.71
N GLN A 224 17.66 -1.80 -7.39
CA GLN A 224 16.49 -1.72 -6.55
C GLN A 224 15.64 -0.50 -6.91
N ALA A 225 16.26 0.52 -7.52
CA ALA A 225 15.56 1.71 -7.96
C ALA A 225 14.63 1.41 -9.13
N ASP A 226 14.97 0.40 -9.93
CA ASP A 226 14.21 0.05 -11.12
C ASP A 226 12.94 -0.73 -10.76
N VAL A 227 12.82 -1.15 -9.50
CA VAL A 227 11.62 -1.81 -9.01
C VAL A 227 10.65 -0.74 -8.53
N HIS A 228 9.51 -0.62 -9.22
CA HIS A 228 8.57 0.46 -9.00
C HIS A 228 7.41 -0.03 -8.13
N ARG A 229 7.36 0.44 -6.88
CA ARG A 229 6.23 0.26 -5.97
C ARG A 229 5.89 -1.22 -5.80
N GLN A 230 6.93 -2.07 -5.80
CA GLN A 230 6.83 -3.50 -5.55
C GLN A 230 6.10 -4.25 -6.67
N VAL A 231 5.61 -3.56 -7.72
CA VAL A 231 4.74 -4.25 -8.67
C VAL A 231 5.15 -4.00 -10.12
N ALA A 232 6.36 -3.47 -10.34
CA ALA A 232 6.89 -3.38 -11.70
C ALA A 232 8.41 -3.40 -11.65
N ILE A 233 9.02 -4.00 -12.67
CA ILE A 233 10.46 -4.08 -12.80
C ILE A 233 10.84 -3.66 -14.23
N VAL A 234 11.71 -2.65 -14.32
CA VAL A 234 12.35 -2.28 -15.57
C VAL A 234 13.76 -2.88 -15.57
N PHE A 235 14.05 -3.75 -16.54
CA PHE A 235 15.34 -4.43 -16.59
C PHE A 235 15.80 -4.58 -18.04
N ARG A 236 17.09 -4.91 -18.19
CA ARG A 236 17.66 -5.21 -19.50
C ARG A 236 18.01 -6.69 -19.53
N THR A 237 17.71 -7.32 -20.67
CA THR A 237 17.89 -8.74 -20.83
C THR A 237 19.39 -9.06 -20.80
N PRO A 238 19.76 -10.27 -20.31
CA PRO A 238 21.15 -10.70 -20.37
C PRO A 238 21.46 -11.19 -21.77
N PRO A 239 22.75 -11.18 -22.18
CA PRO A 239 23.15 -11.84 -23.43
C PRO A 239 22.86 -13.33 -23.34
N TYR A 240 22.57 -13.92 -24.50
CA TYR A 240 22.34 -15.35 -24.59
C TYR A 240 23.70 -16.05 -24.69
N ALA A 241 23.74 -17.31 -24.24
CA ALA A 241 24.94 -18.14 -24.30
C ALA A 241 25.65 -17.97 -25.64
N ASP A 242 24.92 -18.22 -26.74
CA ASP A 242 25.48 -18.20 -28.08
C ASP A 242 25.34 -16.80 -28.68
N PRO A 243 26.45 -16.08 -28.95
CA PRO A 243 26.38 -14.72 -29.51
C PRO A 243 26.03 -14.62 -30.99
N SER A 244 26.21 -15.72 -31.74
CA SER A 244 25.87 -15.75 -33.15
C SER A 244 24.80 -16.81 -33.43
N LEU A 245 23.59 -16.58 -32.92
CA LEU A 245 22.43 -17.37 -33.30
C LEU A 245 22.23 -17.30 -34.81
N GLN A 246 21.90 -18.45 -35.42
CA GLN A 246 21.46 -18.48 -36.81
C GLN A 246 19.95 -18.25 -36.88
N ALA A 247 19.22 -18.67 -35.84
CA ALA A 247 17.76 -18.63 -35.85
C ALA A 247 17.25 -18.44 -34.44
N PRO A 248 16.01 -17.94 -34.26
CA PRO A 248 15.44 -17.70 -32.93
C PRO A 248 15.53 -18.91 -32.01
N VAL A 249 15.66 -18.65 -30.70
CA VAL A 249 15.77 -19.70 -29.72
C VAL A 249 14.85 -19.38 -28.54
N ARG A 250 13.88 -20.28 -28.29
CA ARG A 250 12.95 -20.14 -27.20
C ARG A 250 13.63 -20.49 -25.88
N VAL A 251 13.54 -19.56 -24.94
CA VAL A 251 13.94 -19.79 -23.56
C VAL A 251 12.75 -19.41 -22.67
N SER A 252 12.92 -19.68 -21.37
CA SER A 252 11.94 -19.31 -20.37
C SER A 252 12.40 -18.08 -19.59
N MET A 253 11.42 -17.23 -19.22
CA MET A 253 11.64 -16.08 -18.37
C MET A 253 10.74 -16.24 -17.15
N GLN A 254 11.28 -16.03 -15.95
CA GLN A 254 10.44 -16.08 -14.77
C GLN A 254 11.02 -15.19 -13.66
N LEU A 255 10.16 -14.83 -12.70
CA LEU A 255 10.59 -14.17 -11.48
C LEU A 255 11.20 -15.22 -10.55
N ARG A 256 12.18 -14.80 -9.74
CA ARG A 256 12.79 -15.68 -8.75
C ARG A 256 13.11 -14.86 -7.51
N ARG A 257 12.81 -15.46 -6.34
CA ARG A 257 13.06 -14.85 -5.04
C ARG A 257 14.25 -15.57 -4.42
N PRO A 258 15.44 -14.93 -4.30
CA PRO A 258 16.64 -15.62 -3.83
C PRO A 258 16.52 -16.24 -2.44
N SER A 259 15.78 -15.58 -1.54
CA SER A 259 15.69 -15.98 -0.15
C SER A 259 15.26 -17.43 -0.01
N ASP A 260 14.17 -17.82 -0.70
CA ASP A 260 13.66 -19.18 -0.57
C ASP A 260 13.72 -19.93 -1.91
N ARG A 261 14.20 -19.26 -2.97
CA ARG A 261 14.46 -19.91 -4.25
C ARG A 261 13.15 -20.26 -4.95
N GLU A 262 12.05 -19.57 -4.61
CA GLU A 262 10.78 -19.73 -5.30
C GLU A 262 10.88 -19.15 -6.72
N LEU A 263 10.22 -19.83 -7.67
CA LEU A 263 10.15 -19.39 -9.05
C LEU A 263 8.71 -19.12 -9.42
N SER A 264 8.48 -18.22 -10.39
CA SER A 264 7.15 -18.01 -10.96
C SER A 264 6.94 -19.02 -12.07
N GLU A 265 5.71 -19.00 -12.60
CA GLU A 265 5.34 -19.73 -13.81
C GLU A 265 6.17 -19.21 -14.97
N PRO A 266 6.72 -20.10 -15.83
CA PRO A 266 7.57 -19.66 -16.94
C PRO A 266 6.79 -18.98 -18.07
N MET A 267 7.48 -18.07 -18.75
CA MET A 267 6.93 -17.41 -19.94
C MET A 267 7.91 -17.61 -21.09
N GLU A 268 7.39 -17.60 -22.32
CA GLU A 268 8.22 -17.80 -23.50
C GLU A 268 8.93 -16.50 -23.88
N PHE A 269 10.27 -16.55 -23.97
CA PHE A 269 11.08 -15.48 -24.52
C PHE A 269 11.93 -16.05 -25.65
N GLN A 270 12.00 -15.31 -26.77
CA GLN A 270 12.79 -15.75 -27.91
C GLN A 270 13.98 -14.81 -28.14
N TYR A 271 15.20 -15.35 -27.99
CA TYR A 271 16.42 -14.67 -28.40
C TYR A 271 16.54 -14.75 -29.92
N LEU A 272 16.73 -13.59 -30.56
CA LEU A 272 16.77 -13.48 -32.01
C LEU A 272 18.22 -13.31 -32.46
N PRO A 273 18.58 -13.79 -33.68
CA PRO A 273 19.89 -13.48 -34.26
C PRO A 273 20.07 -11.99 -34.42
N ASP A 274 21.25 -11.47 -34.03
CA ASP A 274 21.50 -10.04 -34.16
C ASP A 274 22.32 -9.79 -35.42
N THR A 275 21.65 -9.89 -36.58
CA THR A 275 22.24 -9.55 -37.86
C THR A 275 21.69 -8.20 -38.28
N ASP A 276 21.91 -7.19 -37.41
CA ASP A 276 21.21 -5.91 -37.43
C ASP A 276 19.69 -6.16 -37.28
N MET B 1 -8.12 50.76 8.12
CA MET B 1 -8.32 49.37 8.64
C MET B 1 -7.02 48.57 8.47
N PRO B 2 -6.24 48.31 9.55
CA PRO B 2 -5.05 47.46 9.43
C PRO B 2 -5.54 46.08 9.01
N TYR B 3 -4.73 45.38 8.19
CA TYR B 3 -5.18 44.12 7.62
C TYR B 3 -3.99 43.20 7.36
N VAL B 4 -4.30 41.90 7.24
CA VAL B 4 -3.30 40.87 7.02
C VAL B 4 -3.21 40.58 5.52
N GLU B 5 -1.96 40.48 5.05
CA GLU B 5 -1.64 40.15 3.67
C GLU B 5 -0.79 38.89 3.64
N ILE B 6 -1.14 37.95 2.75
CA ILE B 6 -0.34 36.74 2.59
C ILE B 6 0.77 37.02 1.57
N ILE B 7 2.00 37.13 2.08
CA ILE B 7 3.18 37.32 1.25
C ILE B 7 3.52 36.01 0.54
N GLU B 8 3.59 34.92 1.31
CA GLU B 8 3.97 33.60 0.80
C GLU B 8 2.88 32.60 1.15
N GLN B 9 2.08 32.23 0.15
CA GLN B 9 1.04 31.22 0.32
C GLN B 9 1.68 29.88 0.66
N PRO B 10 0.91 28.92 1.22
CA PRO B 10 1.39 27.55 1.40
C PRO B 10 1.33 26.78 0.09
N LYS B 11 2.32 25.89 -0.12
CA LYS B 11 2.26 24.99 -1.27
C LYS B 11 1.09 24.05 -1.09
N GLN B 12 0.31 23.84 -2.18
CA GLN B 12 -0.97 23.17 -2.10
C GLN B 12 -0.80 21.65 -2.08
N ARG B 13 0.07 21.13 -2.94
CA ARG B 13 0.24 19.68 -3.08
C ARG B 13 1.68 19.33 -2.77
N GLY B 14 1.90 18.04 -2.43
CA GLY B 14 3.23 17.59 -2.05
C GLY B 14 3.28 16.99 -0.64
N MET B 15 2.56 17.58 0.32
CA MET B 15 2.75 17.25 1.72
C MET B 15 1.67 16.28 2.18
N ARG B 16 2.06 15.31 3.03
CA ARG B 16 1.09 14.43 3.67
C ARG B 16 0.54 15.07 4.94
N PHE B 17 -0.75 14.82 5.19
CA PHE B 17 -1.30 14.98 6.54
C PHE B 17 -0.85 13.75 7.33
N ARG B 18 -0.42 13.95 8.60
CA ARG B 18 0.11 12.88 9.44
C ARG B 18 -0.88 12.54 10.55
N TYR B 19 -0.94 11.25 10.90
CA TYR B 19 -1.74 10.82 12.03
C TYR B 19 -0.91 10.97 13.30
N LYS B 20 -1.60 11.01 14.45
CA LYS B 20 -0.96 11.15 15.74
C LYS B 20 0.05 10.04 15.97
N CYS B 21 -0.26 8.84 15.47
CA CYS B 21 0.60 7.67 15.64
C CYS B 21 1.97 7.89 15.01
N GLU B 22 2.06 8.77 14.01
CA GLU B 22 3.31 8.97 13.28
C GLU B 22 4.23 9.91 14.06
N GLY B 23 3.66 10.57 15.07
CA GLY B 23 4.45 11.20 16.12
C GLY B 23 3.96 12.63 16.44
N ARG B 24 4.68 13.29 17.35
CA ARG B 24 4.41 14.68 17.70
C ARG B 24 5.08 15.46 16.58
N SER B 25 4.44 16.55 16.13
CA SER B 25 4.90 17.35 14.97
C SER B 25 4.71 16.60 13.66
N ALA B 26 4.21 17.31 12.65
CA ALA B 26 3.86 16.69 11.38
C ALA B 26 4.55 17.42 10.24
N GLY B 27 5.81 17.75 10.43
CA GLY B 27 6.57 18.45 9.42
C GLY B 27 6.25 19.92 9.38
N SER B 28 6.69 20.58 8.32
CA SER B 28 6.48 22.00 8.13
C SER B 28 5.82 22.20 6.77
N ILE B 29 4.64 22.82 6.76
CA ILE B 29 4.04 23.26 5.51
C ILE B 29 5.01 24.21 4.81
N PRO B 30 5.42 23.93 3.56
CA PRO B 30 6.24 24.87 2.78
C PRO B 30 5.47 25.92 1.99
N GLY B 31 6.14 27.03 1.72
CA GLY B 31 5.60 28.07 0.86
C GLY B 31 5.53 27.60 -0.59
N GLU B 32 4.70 28.30 -1.38
CA GLU B 32 4.50 28.03 -2.80
C GLU B 32 5.82 27.86 -3.55
N ARG B 33 6.74 28.83 -3.37
CA ARG B 33 7.97 28.90 -4.14
C ARG B 33 9.10 28.19 -3.40
N SER B 34 8.77 27.24 -2.53
CA SER B 34 9.80 26.47 -1.85
C SER B 34 10.51 25.58 -2.86
N THR B 35 11.85 25.55 -2.80
CA THR B 35 12.67 24.58 -3.53
C THR B 35 13.67 23.95 -2.55
N ASP B 36 14.40 22.95 -3.05
CA ASP B 36 15.36 22.19 -2.25
C ASP B 36 16.51 23.08 -1.79
N THR B 37 16.91 24.04 -2.64
CA THR B 37 18.02 24.93 -2.34
C THR B 37 17.55 26.17 -1.57
N THR B 38 16.26 26.51 -1.72
CA THR B 38 15.67 27.66 -1.03
C THR B 38 14.30 27.27 -0.49
N LYS B 39 14.26 26.86 0.79
CA LYS B 39 13.04 26.42 1.44
C LYS B 39 12.29 27.62 2.01
N THR B 40 11.06 27.84 1.52
CA THR B 40 10.23 28.94 1.99
C THR B 40 9.07 28.42 2.86
N HIS B 41 8.48 29.34 3.62
CA HIS B 41 7.41 28.99 4.55
C HIS B 41 6.27 29.98 4.39
N PRO B 42 5.01 29.62 4.78
CA PRO B 42 3.89 30.55 4.75
C PRO B 42 4.20 31.85 5.49
N THR B 43 3.93 32.98 4.82
CA THR B 43 4.33 34.28 5.35
C THR B 43 3.16 35.25 5.21
N ILE B 44 2.96 36.08 6.25
CA ILE B 44 1.99 37.16 6.17
C ILE B 44 2.71 38.48 6.43
N LYS B 45 2.08 39.58 5.97
CA LYS B 45 2.50 40.92 6.37
C LYS B 45 1.30 41.68 6.94
N ILE B 46 1.50 42.32 8.09
CA ILE B 46 0.49 43.18 8.70
C ILE B 46 0.67 44.59 8.15
N ASN B 47 -0.29 45.03 7.33
CA ASN B 47 -0.29 46.39 6.80
C ASN B 47 -1.03 47.32 7.74
N GLY B 48 -0.40 48.45 8.08
CA GLY B 48 -1.04 49.53 8.81
C GLY B 48 -0.97 49.32 10.33
N TYR B 49 0.10 48.67 10.79
CA TYR B 49 0.36 48.50 12.22
C TYR B 49 1.80 48.03 12.41
N THR B 50 2.41 48.46 13.52
CA THR B 50 3.61 47.82 14.06
C THR B 50 3.52 47.87 15.58
N GLY B 51 4.08 46.85 16.23
CA GLY B 51 4.02 46.74 17.68
C GLY B 51 3.47 45.39 18.13
N PRO B 52 3.25 45.19 19.45
CA PRO B 52 2.87 43.89 19.99
C PRO B 52 1.46 43.48 19.56
N GLY B 53 1.20 42.18 19.66
CA GLY B 53 -0.08 41.62 19.26
C GLY B 53 -0.05 40.10 19.32
N THR B 54 -1.05 39.45 18.69
CA THR B 54 -1.12 38.01 18.62
C THR B 54 -1.54 37.59 17.22
N VAL B 55 -1.12 36.39 16.82
CA VAL B 55 -1.65 35.75 15.63
C VAL B 55 -2.06 34.33 16.01
N ARG B 56 -3.28 33.97 15.59
CA ARG B 56 -3.74 32.60 15.67
C ARG B 56 -3.88 32.10 14.24
N ILE B 57 -3.44 30.85 13.99
CA ILE B 57 -3.69 30.16 12.72
C ILE B 57 -4.47 28.90 13.03
N SER B 58 -5.59 28.72 12.34
CA SER B 58 -6.39 27.53 12.48
C SER B 58 -6.71 26.96 11.10
N LEU B 59 -7.26 25.74 11.09
CA LEU B 59 -7.67 25.08 9.87
C LEU B 59 -9.16 25.26 9.69
N VAL B 60 -9.57 25.54 8.48
CA VAL B 60 -10.98 25.63 8.15
C VAL B 60 -11.24 24.79 6.90
N THR B 61 -12.50 24.55 6.60
CA THR B 61 -12.88 23.82 5.44
C THR B 61 -12.56 24.55 4.15
N LYS B 62 -12.30 23.79 3.09
CA LYS B 62 -12.04 24.37 1.78
C LYS B 62 -13.21 25.13 1.23
N ASP B 63 -14.42 24.61 1.44
CA ASP B 63 -15.61 25.20 0.85
C ASP B 63 -16.33 26.23 1.67
N PRO B 64 -16.88 27.25 0.99
CA PRO B 64 -17.50 28.39 1.62
C PRO B 64 -18.11 28.50 2.95
N PRO B 65 -18.92 27.55 3.40
CA PRO B 65 -19.30 27.79 4.80
C PRO B 65 -18.02 27.35 5.52
N HIS B 66 -17.08 28.26 5.78
CA HIS B 66 -15.79 27.89 6.33
C HIS B 66 -15.79 27.48 7.81
N ARG B 67 -16.32 26.31 8.11
CA ARG B 67 -16.34 25.79 9.44
C ARG B 67 -14.94 25.36 9.88
N PRO B 68 -14.73 25.26 11.19
CA PRO B 68 -13.44 24.73 11.66
C PRO B 68 -13.21 23.26 11.23
N HIS B 69 -12.00 22.88 10.83
CA HIS B 69 -11.78 21.56 10.26
C HIS B 69 -11.48 20.60 11.40
N PRO B 70 -11.87 19.31 11.31
CA PRO B 70 -11.56 18.34 12.37
C PRO B 70 -10.06 18.12 12.58
N HIS B 71 -9.25 18.35 11.55
CA HIS B 71 -7.82 18.16 11.66
C HIS B 71 -7.21 19.21 12.60
N GLU B 72 -5.95 18.97 12.98
CA GLU B 72 -5.22 19.84 13.90
C GLU B 72 -3.94 20.39 13.27
N LEU B 73 -3.62 21.64 13.59
CA LEU B 73 -2.27 22.15 13.43
C LEU B 73 -1.46 21.74 14.65
N VAL B 74 -0.26 21.20 14.38
CA VAL B 74 0.66 20.77 15.41
C VAL B 74 2.04 21.34 15.08
N GLY B 75 2.85 21.46 16.14
CA GLY B 75 4.19 22.05 16.07
C GLY B 75 4.41 23.11 17.14
N LYS B 76 5.43 23.94 16.92
CA LYS B 76 5.80 25.00 17.84
C LYS B 76 4.61 25.95 18.00
N ASP B 77 4.26 26.23 19.26
CA ASP B 77 3.27 27.23 19.65
C ASP B 77 1.85 26.81 19.25
N CYS B 78 1.63 25.50 19.06
CA CYS B 78 0.33 24.96 18.73
C CYS B 78 -0.29 24.29 19.95
N ARG B 79 -1.60 24.48 20.13
CA ARG B 79 -2.36 23.79 21.17
C ARG B 79 -3.81 23.71 20.71
N ASP B 80 -4.46 22.59 21.03
CA ASP B 80 -5.88 22.39 20.76
C ASP B 80 -6.14 22.50 19.26
N GLY B 81 -5.12 22.17 18.45
CA GLY B 81 -5.29 22.08 17.01
C GLY B 81 -5.13 23.43 16.30
N TYR B 82 -4.70 24.47 17.02
CA TYR B 82 -4.43 25.74 16.38
C TYR B 82 -3.08 26.29 16.85
N TYR B 83 -2.48 27.11 15.98
CA TYR B 83 -1.27 27.83 16.30
C TYR B 83 -1.63 29.15 16.99
N GLU B 84 -0.86 29.51 18.02
CA GLU B 84 -1.05 30.81 18.67
C GLU B 84 0.23 31.25 19.36
N ALA B 85 0.74 32.41 18.94
CA ALA B 85 1.95 33.02 19.48
C ALA B 85 1.85 34.54 19.44
N ASP B 86 2.72 35.21 20.20
CA ASP B 86 2.85 36.65 20.14
C ASP B 86 3.42 37.07 18.79
N LEU B 87 2.82 38.11 18.22
CA LEU B 87 3.33 38.78 17.04
C LEU B 87 4.67 39.44 17.39
N CYS B 88 5.65 39.37 16.48
CA CYS B 88 6.91 40.05 16.69
C CYS B 88 6.69 41.56 16.64
N PRO B 89 7.04 42.32 17.70
CA PRO B 89 6.69 43.74 17.78
C PRO B 89 7.43 44.60 16.76
N ASP B 90 8.69 44.24 16.49
CA ASP B 90 9.59 45.03 15.65
C ASP B 90 9.13 44.98 14.20
N ARG B 91 8.88 43.76 13.69
CA ARG B 91 8.74 43.52 12.27
C ARG B 91 7.26 43.41 11.90
N SER B 92 6.93 43.76 10.65
CA SER B 92 5.56 43.70 10.14
C SER B 92 5.33 42.45 9.31
N ILE B 93 6.40 41.68 9.03
CA ILE B 93 6.30 40.48 8.20
C ILE B 93 6.62 39.28 9.08
N HIS B 94 5.78 38.24 8.95
CA HIS B 94 5.81 37.10 9.85
C HIS B 94 5.61 35.82 9.04
N SER B 95 6.47 34.84 9.31
CA SER B 95 6.41 33.57 8.63
C SER B 95 6.50 32.44 9.65
N PHE B 96 5.98 31.27 9.26
CA PHE B 96 5.64 30.20 10.18
C PHE B 96 6.29 28.92 9.66
N GLN B 97 7.25 28.42 10.43
CA GLN B 97 8.22 27.45 9.94
C GLN B 97 7.94 26.05 10.45
N ASN B 98 6.98 25.90 11.38
CA ASN B 98 6.78 24.61 12.03
C ASN B 98 5.29 24.30 12.05
N LEU B 99 4.58 24.59 10.95
CA LEU B 99 3.18 24.25 10.85
C LEU B 99 3.06 22.84 10.28
N GLY B 100 2.45 21.93 11.03
CA GLY B 100 2.16 20.59 10.52
C GLY B 100 0.66 20.31 10.58
N ILE B 101 0.15 19.52 9.63
CA ILE B 101 -1.24 19.13 9.63
C ILE B 101 -1.38 17.71 10.15
N GLN B 102 -2.08 17.56 11.28
CA GLN B 102 -2.33 16.25 11.87
C GLN B 102 -3.77 15.84 11.59
N CYS B 103 -3.93 14.77 10.79
CA CYS B 103 -5.27 14.35 10.41
C CYS B 103 -5.81 13.44 11.50
N VAL B 104 -7.10 13.60 11.80
CA VAL B 104 -7.79 12.79 12.79
C VAL B 104 -8.39 11.59 12.06
N LYS B 105 -8.66 10.53 12.83
CA LYS B 105 -9.26 9.33 12.29
C LYS B 105 -10.76 9.57 12.12
N LYS B 106 -11.38 8.87 11.16
CA LYS B 106 -12.81 8.93 10.91
C LYS B 106 -13.59 8.64 12.18
N ARG B 107 -13.07 7.69 12.98
CA ARG B 107 -13.67 7.27 14.24
C ARG B 107 -13.78 8.46 15.20
N ASP B 108 -12.80 9.37 15.19
CA ASP B 108 -12.69 10.43 16.19
C ASP B 108 -13.19 11.79 15.68
N LEU B 109 -14.07 11.77 14.68
CA LEU B 109 -14.45 12.98 13.97
C LEU B 109 -15.40 13.87 14.79
N GLU B 110 -16.43 13.25 15.38
CA GLU B 110 -17.42 13.94 16.18
C GLU B 110 -16.77 14.52 17.44
N GLN B 111 -15.79 13.80 17.99
CA GLN B 111 -15.04 14.29 19.14
C GLN B 111 -14.22 15.51 18.76
N ALA B 112 -13.65 15.51 17.54
CA ALA B 112 -12.75 16.57 17.13
C ALA B 112 -13.55 17.85 16.91
N ILE B 113 -14.68 17.73 16.22
CA ILE B 113 -15.57 18.87 16.03
C ILE B 113 -16.02 19.43 17.38
N SER B 114 -16.27 18.55 18.36
CA SER B 114 -16.67 18.99 19.69
C SER B 114 -15.53 19.78 20.36
N GLN B 115 -14.26 19.38 20.14
CA GLN B 115 -13.12 20.11 20.69
C GLN B 115 -13.04 21.50 20.06
N ARG B 116 -13.32 21.61 18.76
CA ARG B 116 -13.19 22.89 18.08
C ARG B 116 -14.14 23.92 18.69
N ILE B 117 -15.37 23.48 18.97
CA ILE B 117 -16.40 24.35 19.54
C ILE B 117 -16.02 24.72 20.98
N GLN B 118 -15.54 23.73 21.74
CA GLN B 118 -15.24 23.90 23.14
C GLN B 118 -14.12 24.92 23.34
N THR B 119 -13.20 24.97 22.37
CA THR B 119 -12.02 25.82 22.42
C THR B 119 -12.28 27.16 21.74
N ASN B 120 -13.53 27.42 21.32
CA ASN B 120 -13.88 28.66 20.64
C ASN B 120 -13.01 28.83 19.39
N ASN B 121 -12.83 27.74 18.64
CA ASN B 121 -12.05 27.74 17.41
C ASN B 121 -13.03 27.77 16.24
N ASN B 122 -13.59 28.95 15.97
CA ASN B 122 -14.60 29.09 14.96
C ASN B 122 -14.49 30.50 14.39
N PRO B 123 -13.45 30.78 13.56
CA PRO B 123 -13.14 32.13 13.09
C PRO B 123 -14.27 32.90 12.39
N PHE B 124 -15.16 32.17 11.68
CA PHE B 124 -16.23 32.78 10.92
C PHE B 124 -17.58 32.58 11.62
N HIS B 125 -17.53 32.10 12.87
CA HIS B 125 -18.73 32.03 13.71
C HIS B 125 -19.85 31.33 12.95
N VAL B 126 -19.56 30.12 12.46
CA VAL B 126 -20.56 29.32 11.78
C VAL B 126 -21.43 28.66 12.85
N PRO B 127 -22.77 28.63 12.71
CA PRO B 127 -23.63 27.97 13.69
C PRO B 127 -23.35 26.46 13.75
N ILE B 128 -23.65 25.84 14.90
CA ILE B 128 -23.35 24.44 15.16
C ILE B 128 -24.18 23.52 14.26
N GLU B 129 -25.32 24.02 13.76
CA GLU B 129 -26.20 23.18 12.95
C GLU B 129 -25.67 23.07 11.52
N GLU B 130 -24.59 23.79 11.20
CA GLU B 130 -23.81 23.54 9.98
C GLU B 130 -22.66 22.56 10.27
N GLN B 131 -22.30 22.39 11.54
CA GLN B 131 -21.13 21.59 11.91
C GLN B 131 -21.56 20.14 12.09
N ARG B 132 -21.82 19.49 10.95
CA ARG B 132 -22.39 18.14 10.89
C ARG B 132 -22.40 17.62 9.45
N GLY B 133 -22.45 18.52 8.46
CA GLY B 133 -22.32 18.16 7.05
C GLY B 133 -21.01 17.43 6.74
N ASP B 134 -20.84 17.02 5.48
CA ASP B 134 -19.66 16.25 5.08
C ASP B 134 -18.44 17.15 5.07
N TYR B 135 -17.38 16.72 5.76
CA TYR B 135 -16.08 17.37 5.73
C TYR B 135 -15.20 16.65 4.70
N ASP B 136 -14.52 17.44 3.85
CA ASP B 136 -13.45 16.93 3.01
C ASP B 136 -12.19 16.79 3.86
N LEU B 137 -11.87 15.55 4.27
CA LEU B 137 -10.73 15.30 5.14
C LEU B 137 -9.41 15.40 4.37
N ASN B 138 -9.51 15.57 3.04
CA ASN B 138 -8.34 15.55 2.18
C ASN B 138 -7.80 16.96 1.94
N ALA B 139 -8.52 17.99 2.40
CA ALA B 139 -8.17 19.37 2.09
C ALA B 139 -8.53 20.31 3.23
N VAL B 140 -7.64 21.27 3.52
CA VAL B 140 -7.86 22.30 4.54
C VAL B 140 -7.46 23.65 3.97
N ARG B 141 -7.87 24.74 4.65
CA ARG B 141 -7.28 26.05 4.42
C ARG B 141 -6.75 26.60 5.74
N LEU B 142 -5.62 27.30 5.68
CA LEU B 142 -5.15 28.05 6.82
C LEU B 142 -6.02 29.29 7.00
N CYS B 143 -6.37 29.60 8.26
CA CYS B 143 -7.07 30.82 8.60
C CYS B 143 -6.21 31.65 9.55
N PHE B 144 -5.74 32.81 9.08
CA PHE B 144 -4.90 33.67 9.89
C PHE B 144 -5.76 34.71 10.60
N GLN B 145 -5.64 34.75 11.93
CA GLN B 145 -6.47 35.59 12.78
C GLN B 145 -5.57 36.47 13.63
N VAL B 146 -5.38 37.71 13.19
CA VAL B 146 -4.43 38.59 13.86
C VAL B 146 -5.18 39.61 14.71
N THR B 147 -4.66 39.81 15.93
CA THR B 147 -5.16 40.79 16.88
C THR B 147 -4.04 41.80 17.14
N VAL B 148 -4.31 43.07 16.80
CA VAL B 148 -3.40 44.16 17.11
C VAL B 148 -3.96 44.98 18.28
N ARG B 149 -3.35 46.14 18.56
CA ARG B 149 -3.76 47.00 19.65
C ARG B 149 -4.09 48.38 19.11
N ASP B 150 -5.13 49.03 19.66
CA ASP B 150 -5.36 50.45 19.40
C ASP B 150 -4.39 51.24 20.26
N PRO B 151 -4.34 52.59 20.14
CA PRO B 151 -3.34 53.39 20.86
C PRO B 151 -3.38 53.26 22.38
N ALA B 152 -4.53 52.90 22.93
CA ALA B 152 -4.67 52.71 24.37
C ALA B 152 -4.45 51.24 24.76
N GLY B 153 -4.15 50.39 23.78
CA GLY B 153 -3.75 49.03 24.08
C GLY B 153 -4.93 48.05 24.14
N ARG B 154 -6.08 48.44 23.57
CA ARG B 154 -7.21 47.53 23.58
C ARG B 154 -7.15 46.68 22.32
N PRO B 155 -7.53 45.39 22.39
CA PRO B 155 -7.36 44.46 21.27
C PRO B 155 -8.25 44.84 20.09
N LEU B 156 -7.67 44.92 18.88
CA LEU B 156 -8.44 45.10 17.66
C LEU B 156 -8.27 43.85 16.80
N LEU B 157 -9.36 43.12 16.63
CA LEU B 157 -9.35 41.86 15.88
C LEU B 157 -9.49 42.18 14.40
N LEU B 158 -8.42 41.91 13.64
CA LEU B 158 -8.40 42.15 12.20
C LEU B 158 -9.27 41.10 11.51
N THR B 159 -9.62 41.36 10.24
CA THR B 159 -10.45 40.44 9.49
C THR B 159 -9.67 39.13 9.31
N PRO B 160 -10.31 37.95 9.49
CA PRO B 160 -9.66 36.67 9.19
C PRO B 160 -9.35 36.52 7.70
N VAL B 161 -8.14 36.03 7.36
CA VAL B 161 -7.77 35.82 5.98
C VAL B 161 -7.45 34.35 5.72
N LEU B 162 -7.90 33.87 4.57
CA LEU B 162 -7.79 32.47 4.16
C LEU B 162 -6.63 32.29 3.20
N SER B 163 -5.96 31.14 3.30
CA SER B 163 -4.94 30.71 2.36
C SER B 163 -5.60 29.96 1.22
N HIS B 164 -4.80 29.62 0.21
CA HIS B 164 -5.20 28.58 -0.73
C HIS B 164 -5.33 27.25 0.01
N PRO B 165 -6.13 26.30 -0.52
CA PRO B 165 -6.29 25.01 0.10
C PRO B 165 -5.04 24.14 0.00
N ILE B 166 -4.83 23.29 1.02
CA ILE B 166 -3.72 22.36 1.08
C ILE B 166 -4.31 20.96 1.03
N PHE B 167 -3.75 20.11 0.16
CA PHE B 167 -4.29 18.77 -0.07
C PHE B 167 -3.33 17.71 0.46
N ASP B 168 -3.91 16.60 0.93
CA ASP B 168 -3.16 15.49 1.53
C ASP B 168 -2.49 14.66 0.43
N ASN B 169 -1.16 14.62 0.40
CA ASN B 169 -0.49 13.92 -0.69
C ASN B 169 -0.76 12.42 -0.61
N ARG B 170 -0.96 11.89 0.60
CA ARG B 170 -1.06 10.46 0.83
C ARG B 170 -2.44 9.95 0.41
N ALA B 171 -3.46 10.81 0.49
CA ALA B 171 -4.82 10.39 0.20
C ALA B 171 -4.97 10.14 -1.30
N PRO B 172 -5.37 8.93 -1.74
CA PRO B 172 -5.74 8.71 -3.14
C PRO B 172 -6.93 9.61 -3.46
N ASN B 173 -6.91 10.26 -4.63
CA ASN B 173 -7.92 11.24 -5.00
C ASN B 173 -7.33 12.64 -4.92
N THR B 174 -6.40 12.84 -3.97
CA THR B 174 -5.83 14.15 -3.73
C THR B 174 -4.30 14.10 -3.83
N ALA B 175 -3.77 12.91 -4.18
CA ALA B 175 -2.34 12.71 -4.33
C ALA B 175 -1.85 13.42 -5.60
N GLU B 176 -0.57 13.77 -5.62
CA GLU B 176 -0.01 14.51 -6.74
C GLU B 176 0.26 13.53 -7.88
N LEU B 177 -0.11 13.94 -9.10
CA LEU B 177 0.02 13.11 -10.29
C LEU B 177 1.45 13.21 -10.82
N LYS B 178 2.04 12.06 -11.17
CA LYS B 178 3.43 12.04 -11.60
C LYS B 178 3.69 10.83 -12.50
N ILE B 179 4.26 11.11 -13.68
CA ILE B 179 4.70 10.08 -14.60
C ILE B 179 6.17 9.80 -14.28
N CYS B 180 6.44 8.62 -13.73
CA CYS B 180 7.78 8.28 -13.30
C CYS B 180 8.60 7.82 -14.51
N ARG B 181 8.02 6.96 -15.36
CA ARG B 181 8.81 6.27 -16.36
C ARG B 181 7.90 5.76 -17.47
N VAL B 182 8.49 5.55 -18.66
CA VAL B 182 7.74 5.18 -19.85
C VAL B 182 8.66 4.41 -20.80
N ASN B 183 8.11 3.43 -21.53
CA ASN B 183 8.93 2.49 -22.28
C ASN B 183 9.37 3.12 -23.60
N ARG B 184 8.55 4.07 -24.10
CA ARG B 184 8.74 4.75 -25.37
C ARG B 184 8.27 6.19 -25.23
N ASN B 185 8.94 7.12 -25.90
CA ASN B 185 8.48 8.50 -25.94
C ASN B 185 8.33 8.97 -27.39
N SER B 186 8.09 8.02 -28.31
CA SER B 186 7.80 8.35 -29.69
C SER B 186 6.97 7.24 -30.34
N GLY B 187 6.22 7.57 -31.40
CA GLY B 187 5.53 6.55 -32.21
C GLY B 187 4.69 7.16 -33.34
N SER B 188 4.08 6.28 -34.14
CA SER B 188 3.35 6.66 -35.34
C SER B 188 2.32 7.74 -35.04
N CYS B 189 2.14 8.65 -36.01
CA CYS B 189 1.20 9.76 -35.92
C CYS B 189 -0.25 9.29 -36.05
N LEU B 190 -0.42 8.05 -36.56
CA LEU B 190 -1.72 7.41 -36.70
C LEU B 190 -2.20 6.89 -35.35
N GLY B 191 -1.25 6.51 -34.49
CA GLY B 191 -1.54 6.03 -33.14
C GLY B 191 -1.43 4.51 -33.05
N GLY B 192 -1.98 3.95 -31.96
CA GLY B 192 -2.07 2.51 -31.77
C GLY B 192 -0.79 1.89 -31.18
N ASP B 193 0.11 2.74 -30.67
CA ASP B 193 1.35 2.26 -30.04
C ASP B 193 1.07 1.95 -28.56
N GLU B 194 1.62 0.82 -28.09
CA GLU B 194 1.43 0.37 -26.72
C GLU B 194 2.52 0.94 -25.82
N ILE B 195 2.07 1.72 -24.81
CA ILE B 195 2.92 2.36 -23.82
C ILE B 195 2.70 1.71 -22.46
N PHE B 196 3.80 1.24 -21.85
CA PHE B 196 3.84 0.92 -20.43
C PHE B 196 4.35 2.14 -19.65
N LEU B 197 3.47 2.68 -18.80
CA LEU B 197 3.74 3.91 -18.07
C LEU B 197 3.66 3.62 -16.57
N LEU B 198 4.70 4.04 -15.84
CA LEU B 198 4.79 3.87 -14.41
C LEU B 198 4.51 5.23 -13.77
N CYS B 199 3.61 5.23 -12.78
CA CYS B 199 3.14 6.46 -12.19
C CYS B 199 3.01 6.30 -10.67
N ASP B 200 2.87 7.42 -9.95
CA ASP B 200 2.46 7.38 -8.56
C ASP B 200 0.99 6.99 -8.50
N LYS B 201 0.51 6.71 -7.29
CA LYS B 201 -0.78 6.05 -7.10
C LYS B 201 -1.89 6.87 -7.75
N VAL B 202 -2.71 6.22 -8.58
CA VAL B 202 -3.88 6.83 -9.17
C VAL B 202 -5.06 5.89 -8.99
N GLN B 203 -6.27 6.46 -9.09
CA GLN B 203 -7.50 5.68 -9.03
C GLN B 203 -7.94 5.40 -10.47
N LYS B 204 -8.13 4.12 -10.78
CA LYS B 204 -8.35 3.68 -12.15
C LYS B 204 -9.71 4.15 -12.68
N GLU B 205 -10.64 4.52 -11.78
CA GLU B 205 -11.93 5.06 -12.17
C GLU B 205 -11.84 6.54 -12.48
N ASP B 206 -10.71 7.17 -12.13
CA ASP B 206 -10.60 8.62 -12.15
C ASP B 206 -9.22 9.01 -12.65
N ILE B 207 -8.85 8.46 -13.81
CA ILE B 207 -7.54 8.72 -14.37
C ILE B 207 -7.64 8.62 -15.88
N GLU B 208 -6.77 9.39 -16.56
CA GLU B 208 -6.64 9.35 -18.00
C GLU B 208 -5.29 9.96 -18.36
N VAL B 209 -4.78 9.57 -19.53
CA VAL B 209 -3.53 10.14 -20.03
C VAL B 209 -3.87 11.07 -21.19
N TYR B 210 -3.27 12.26 -21.13
CA TYR B 210 -3.74 13.46 -21.80
C TYR B 210 -2.66 13.94 -22.76
N PHE B 211 -2.92 13.82 -24.06
CA PHE B 211 -2.04 14.33 -25.09
C PHE B 211 -2.49 15.74 -25.49
N THR B 212 -1.54 16.68 -25.58
CA THR B 212 -1.88 18.06 -25.90
C THR B 212 -0.81 18.68 -26.79
N GLY B 213 -1.27 19.37 -27.83
CA GLY B 213 -0.48 20.33 -28.58
C GLY B 213 -1.21 21.67 -28.69
N PRO B 214 -0.66 22.66 -29.43
CA PRO B 214 -1.34 23.94 -29.62
C PRO B 214 -2.61 23.73 -30.45
N GLY B 215 -3.77 23.86 -29.78
CA GLY B 215 -5.07 23.68 -30.41
C GLY B 215 -5.43 22.22 -30.65
N TRP B 216 -4.83 21.31 -29.86
CA TRP B 216 -5.12 19.89 -29.96
C TRP B 216 -5.23 19.27 -28.57
N GLU B 217 -6.06 18.22 -28.47
CA GLU B 217 -6.42 17.60 -27.20
C GLU B 217 -6.90 16.17 -27.47
N ALA B 218 -6.18 15.18 -26.91
CA ALA B 218 -6.51 13.78 -27.11
C ALA B 218 -6.12 12.95 -25.89
N ARG B 219 -6.59 11.69 -25.87
CA ARG B 219 -6.46 10.84 -24.69
C ARG B 219 -6.04 9.44 -25.11
N GLY B 220 -5.16 8.82 -24.30
CA GLY B 220 -4.73 7.44 -24.49
C GLY B 220 -5.86 6.47 -24.21
N SER B 221 -5.83 5.31 -24.89
CA SER B 221 -6.91 4.35 -24.85
C SER B 221 -6.55 3.18 -23.92
N PHE B 222 -7.35 2.97 -22.87
CA PHE B 222 -7.16 1.83 -21.98
C PHE B 222 -8.40 1.59 -21.13
N SER B 223 -8.51 0.36 -20.60
CA SER B 223 -9.56 0.01 -19.66
C SER B 223 -9.02 0.07 -18.24
N GLN B 224 -9.95 0.12 -17.27
CA GLN B 224 -9.62 0.08 -15.85
C GLN B 224 -8.74 -1.14 -15.55
N ALA B 225 -9.02 -2.26 -16.24
CA ALA B 225 -8.24 -3.47 -16.06
C ALA B 225 -6.77 -3.27 -16.44
N ASP B 226 -6.46 -2.26 -17.26
CA ASP B 226 -5.09 -2.01 -17.70
C ASP B 226 -4.31 -1.16 -16.69
N VAL B 227 -4.97 -0.68 -15.62
CA VAL B 227 -4.28 0.00 -14.53
C VAL B 227 -3.84 -1.06 -13.52
N HIS B 228 -2.52 -1.25 -13.37
CA HIS B 228 -1.98 -2.34 -12.58
C HIS B 228 -1.61 -1.84 -11.18
N ARG B 229 -2.37 -2.29 -10.17
CA ARG B 229 -2.12 -1.92 -8.77
C ARG B 229 -1.90 -0.41 -8.59
N GLN B 230 -2.63 0.40 -9.35
CA GLN B 230 -2.70 1.86 -9.17
C GLN B 230 -1.40 2.59 -9.54
N VAL B 231 -0.36 1.88 -9.98
CA VAL B 231 0.94 2.53 -10.17
C VAL B 231 1.56 2.18 -11.53
N ALA B 232 0.72 1.68 -12.45
CA ALA B 232 1.17 1.43 -13.81
C ALA B 232 -0.04 1.40 -14.72
N ILE B 233 0.13 1.92 -15.95
CA ILE B 233 -0.91 1.94 -16.95
C ILE B 233 -0.32 1.42 -18.26
N VAL B 234 -1.02 0.45 -18.88
CA VAL B 234 -0.73 0.04 -20.25
C VAL B 234 -1.83 0.58 -21.15
N PHE B 235 -1.45 1.43 -22.12
CA PHE B 235 -2.42 2.12 -22.96
C PHE B 235 -1.91 2.24 -24.41
N ARG B 236 -2.82 2.67 -25.29
CA ARG B 236 -2.54 2.91 -26.69
C ARG B 236 -2.61 4.42 -26.96
N THR B 237 -1.60 4.91 -27.67
CA THR B 237 -1.53 6.32 -28.05
C THR B 237 -2.69 6.67 -28.97
N PRO B 238 -3.26 7.89 -28.85
CA PRO B 238 -4.31 8.32 -29.77
C PRO B 238 -3.72 8.76 -31.10
N PRO B 239 -4.56 9.02 -32.12
CA PRO B 239 -4.08 9.55 -33.40
C PRO B 239 -3.73 11.02 -33.25
N TYR B 240 -2.68 11.46 -33.95
CA TYR B 240 -2.32 12.87 -33.93
C TYR B 240 -3.36 13.66 -34.72
N ALA B 241 -3.51 14.94 -34.36
CA ALA B 241 -4.31 15.91 -35.09
C ALA B 241 -4.27 15.66 -36.60
N ASP B 242 -3.06 15.49 -37.17
CA ASP B 242 -2.89 15.36 -38.61
C ASP B 242 -2.23 14.01 -38.92
N PRO B 243 -2.95 13.06 -39.59
CA PRO B 243 -2.36 11.80 -40.05
C PRO B 243 -1.51 11.88 -41.32
N SER B 244 -1.41 13.08 -41.92
CA SER B 244 -0.54 13.34 -43.06
C SER B 244 0.70 14.13 -42.63
N LEU B 245 1.20 13.81 -41.41
CA LEU B 245 2.36 14.47 -40.85
C LEU B 245 3.60 14.15 -41.67
N GLN B 246 4.34 15.20 -42.05
CA GLN B 246 5.49 15.11 -42.94
C GLN B 246 6.75 14.72 -42.16
N ALA B 247 7.04 15.49 -41.10
CA ALA B 247 8.21 15.30 -40.25
C ALA B 247 7.78 15.34 -38.77
N PRO B 248 8.61 14.81 -37.83
CA PRO B 248 8.17 14.62 -36.45
C PRO B 248 7.69 15.90 -35.78
N VAL B 249 6.73 15.75 -34.85
CA VAL B 249 6.23 16.84 -34.03
C VAL B 249 6.19 16.37 -32.58
N ARG B 250 6.53 17.29 -31.67
CA ARG B 250 6.58 17.00 -30.24
C ARG B 250 5.27 17.47 -29.63
N VAL B 251 4.65 16.57 -28.84
CA VAL B 251 3.48 16.91 -28.04
C VAL B 251 3.81 16.66 -26.56
N SER B 252 2.86 17.06 -25.69
CA SER B 252 2.96 16.81 -24.26
C SER B 252 2.04 15.67 -23.86
N MET B 253 2.54 14.82 -22.95
CA MET B 253 1.78 13.67 -22.44
C MET B 253 1.74 13.78 -20.92
N GLN B 254 0.54 13.84 -20.34
CA GLN B 254 0.42 13.95 -18.88
C GLN B 254 -0.81 13.20 -18.36
N LEU B 255 -0.73 12.82 -17.08
CA LEU B 255 -1.85 12.24 -16.37
C LEU B 255 -2.81 13.36 -15.98
N ARG B 256 -4.11 13.07 -16.08
CA ARG B 256 -5.15 14.01 -15.73
C ARG B 256 -6.17 13.28 -14.87
N ARG B 257 -6.65 13.98 -13.83
CA ARG B 257 -7.70 13.48 -12.96
C ARG B 257 -8.97 14.26 -13.25
N PRO B 258 -9.91 13.69 -14.04
CA PRO B 258 -11.09 14.44 -14.49
C PRO B 258 -11.89 15.08 -13.35
N SER B 259 -12.03 14.36 -12.24
CA SER B 259 -12.85 14.83 -11.13
C SER B 259 -12.48 16.25 -10.71
N ASP B 260 -11.17 16.55 -10.63
CA ASP B 260 -10.72 17.88 -10.24
C ASP B 260 -9.82 18.52 -11.30
N ARG B 261 -9.58 17.82 -12.41
CA ARG B 261 -8.92 18.37 -13.60
C ARG B 261 -7.44 18.63 -13.36
N GLU B 262 -6.85 18.01 -12.32
CA GLU B 262 -5.44 18.20 -12.01
C GLU B 262 -4.59 17.42 -13.00
N LEU B 263 -3.35 17.89 -13.24
CA LEU B 263 -2.44 17.33 -14.22
C LEU B 263 -1.08 17.02 -13.60
N SER B 264 -0.37 16.06 -14.20
CA SER B 264 1.04 15.83 -13.90
C SER B 264 1.89 16.83 -14.68
N GLU B 265 3.19 16.88 -14.33
CA GLU B 265 4.18 17.49 -15.19
C GLU B 265 4.04 16.84 -16.57
N PRO B 266 4.23 17.61 -17.67
CA PRO B 266 4.14 17.05 -19.01
C PRO B 266 5.40 16.26 -19.31
N MET B 267 5.22 15.19 -20.10
CA MET B 267 6.34 14.44 -20.62
C MET B 267 6.27 14.53 -22.15
N GLU B 268 7.44 14.73 -22.78
CA GLU B 268 7.48 14.91 -24.22
C GLU B 268 7.16 13.59 -24.91
N PHE B 269 6.33 13.65 -25.95
CA PHE B 269 6.12 12.55 -26.86
C PHE B 269 6.24 13.09 -28.29
N GLN B 270 6.91 12.35 -29.18
CA GLN B 270 6.97 12.80 -30.56
C GLN B 270 6.27 11.82 -31.49
N TYR B 271 5.21 12.34 -32.12
CA TYR B 271 4.54 11.68 -33.22
C TYR B 271 5.46 11.66 -34.45
N LEU B 272 5.76 10.45 -34.94
CA LEU B 272 6.59 10.26 -36.11
C LEU B 272 5.69 10.12 -37.35
N PRO B 273 6.25 10.34 -38.57
CA PRO B 273 5.49 10.13 -39.80
C PRO B 273 5.45 8.63 -40.11
N ASP B 274 4.28 8.16 -40.56
CA ASP B 274 4.08 6.75 -40.85
C ASP B 274 4.82 6.39 -42.13
N THR B 275 5.65 5.34 -42.05
CA THR B 275 6.31 4.80 -43.24
C THR B 275 5.32 3.87 -43.96
S SO4 E . 8.10 -17.32 15.53
O1 SO4 E . 7.51 -17.28 16.84
O2 SO4 E . 7.28 -16.57 14.63
O3 SO4 E . 9.43 -16.77 15.54
O4 SO4 E . 8.16 -18.68 15.09
S SO4 F . -15.82 20.98 2.96
O1 SO4 F . -16.82 21.75 3.64
O2 SO4 F . -16.49 20.04 2.07
O3 SO4 F . -15.02 20.23 3.92
O4 SO4 F . -14.97 21.86 2.18
S SO4 G . -5.12 10.07 -7.14
O1 SO4 G . -4.97 11.17 -6.24
O2 SO4 G . -6.46 10.04 -7.67
O3 SO4 G . -4.18 10.22 -8.23
O4 SO4 G . -4.85 8.83 -6.44
#